data_2YPK
#
_entry.id   2YPK
#
_cell.length_a   50.829
_cell.length_b   82.067
_cell.length_c   110.489
_cell.angle_alpha   90.00
_cell.angle_beta   90.00
_cell.angle_gamma   90.00
#
_symmetry.space_group_name_H-M   'P 21 21 21'
#
loop_
_entity.id
_entity.type
_entity.pdbx_description
1 polymer 'HLA CLASS I HISTOCOMPATIBILITY ANTIGEN, B-57 ALPHA CHAIN'
2 polymer BETA-2-MICROGLOBULIN
3 polymer 'KF11 P24 GAG PEPTIDE'
4 water water
#
loop_
_entity_poly.entity_id
_entity_poly.type
_entity_poly.pdbx_seq_one_letter_code
_entity_poly.pdbx_strand_id
1 'polypeptide(L)'
;GSHSMRYFYTAMSRPGRGEPRFIAVGYVDDTQFVRFDSDAASPRMAPRAPWIEQEGPEYWDGETRNMKASAQTYRENLRI
ALRYYNQSEAGSHIIQVMYGCDVGPDGRLLRGHDQSAYDGKDYIALNEDLSSWTAADTAAQITQRKWEAARVAEQLRAYL
EGLCVEWLRRYLENGKETLQRADPPKTHVTHHPISDHEATLRCWALGFYPAEITLTWQRDGEDQTQDTELVETRPAGDRT
FQKWAAVVVPSGEEQRYTCHVQHEGLPKPLTLRW
;
A
2 'polypeptide(L)'
;IQRTPKIQVYSRHPAENGKSNFLNCYVSGFHPSDIEVDLLKNGERIEKVEHSDLSFSKDWSFYLLYYTEFTPTEKDEYAC
RVNHVTLSQPKIVKWDRDM
;
B
3 'polypeptide(L)' KAFSPEVIPMF C
#
# COMPACT_ATOMS: atom_id res chain seq x y z
N GLY A 1 8.94 18.24 0.58
CA GLY A 1 8.80 18.29 2.09
C GLY A 1 8.80 16.95 2.81
N SER A 2 8.89 17.03 4.12
CA SER A 2 9.20 15.89 4.93
C SER A 2 8.13 14.80 5.10
N HIS A 3 6.86 15.14 5.32
CA HIS A 3 5.93 14.11 5.84
C HIS A 3 4.52 14.12 5.29
N SER A 4 3.84 12.97 5.38
CA SER A 4 2.43 12.89 4.97
C SER A 4 1.56 12.15 5.97
N MET A 5 0.30 12.55 6.08
CA MET A 5 -0.73 11.72 6.71
C MET A 5 -1.81 11.41 5.68
N ARG A 6 -2.29 10.16 5.67
CA ARG A 6 -3.25 9.69 4.69
C ARG A 6 -4.22 8.73 5.31
N TYR A 7 -5.52 8.91 5.03
CA TYR A 7 -6.54 7.91 5.34
C TYR A 7 -7.04 7.32 4.04
N PHE A 8 -7.29 6.00 4.06
CA PHE A 8 -7.78 5.25 2.92
C PHE A 8 -9.06 4.52 3.35
N TYR A 9 -10.17 4.83 2.70
CA TYR A 9 -11.41 4.10 2.90
C TYR A 9 -11.70 3.22 1.71
N THR A 10 -12.12 1.97 1.95
CA THR A 10 -12.70 1.16 0.93
C THR A 10 -14.07 0.65 1.35
N ALA A 11 -15.06 0.84 0.50
CA ALA A 11 -16.40 0.33 0.78
C ALA A 11 -16.83 -0.61 -0.36
N MET A 12 -17.21 -1.83 -0.02
CA MET A 12 -17.36 -2.93 -1.00
C MET A 12 -18.77 -3.51 -0.85
N SER A 13 -19.60 -3.38 -1.88
CA SER A 13 -20.91 -4.03 -1.86
C SER A 13 -20.82 -5.50 -2.20
N ARG A 14 -21.79 -6.27 -1.69
CA ARG A 14 -21.80 -7.73 -1.80
C ARG A 14 -23.22 -8.26 -1.71
N PRO A 15 -24.06 -7.96 -2.72
CA PRO A 15 -25.47 -8.28 -2.67
C PRO A 15 -25.70 -9.76 -2.34
N GLY A 16 -26.53 -10.01 -1.33
CA GLY A 16 -26.83 -11.38 -0.89
C GLY A 16 -25.95 -11.83 0.26
N ARG A 17 -25.00 -10.99 0.66
CA ARG A 17 -24.01 -11.33 1.69
C ARG A 17 -23.87 -10.19 2.70
N GLY A 18 -25.01 -9.56 2.98
CA GLY A 18 -25.07 -8.50 3.98
C GLY A 18 -24.78 -7.14 3.37
N GLU A 19 -24.70 -6.15 4.25
CA GLU A 19 -24.42 -4.79 3.87
C GLU A 19 -22.95 -4.61 3.42
N PRO A 20 -22.68 -3.57 2.61
CA PRO A 20 -21.28 -3.34 2.19
C PRO A 20 -20.30 -3.21 3.36
N ARG A 21 -19.16 -3.85 3.20
CA ARG A 21 -18.05 -3.83 4.14
C ARG A 21 -17.35 -2.51 3.98
N PHE A 22 -16.96 -1.91 5.11
CA PHE A 22 -16.23 -0.66 5.14
C PHE A 22 -14.91 -0.89 5.88
N ILE A 23 -13.78 -0.63 5.22
CA ILE A 23 -12.46 -0.75 5.85
C ILE A 23 -11.75 0.61 5.76
N ALA A 24 -11.19 1.07 6.87
CA ALA A 24 -10.47 2.34 6.89
C ALA A 24 -9.11 2.03 7.46
N VAL A 25 -8.07 2.68 6.91
CA VAL A 25 -6.71 2.53 7.35
C VAL A 25 -6.05 3.92 7.31
N GLY A 26 -5.20 4.24 8.29
CA GLY A 26 -4.52 5.52 8.33
C GLY A 26 -2.99 5.31 8.36
N TYR A 27 -2.27 6.18 7.67
CA TYR A 27 -0.80 6.10 7.58
C TYR A 27 -0.21 7.44 7.89
N VAL A 28 0.98 7.43 8.52
CA VAL A 28 1.92 8.55 8.49
C VAL A 28 3.13 8.07 7.71
N ASP A 29 3.45 8.75 6.59
CA ASP A 29 4.51 8.27 5.70
C ASP A 29 4.21 6.82 5.32
N ASP A 30 5.13 5.89 5.53
CA ASP A 30 4.87 4.48 5.18
C ASP A 30 4.60 3.63 6.41
N THR A 31 4.11 4.25 7.48
CA THR A 31 3.81 3.55 8.70
C THR A 31 2.31 3.59 8.97
N GLN A 32 1.67 2.42 8.97
CA GLN A 32 0.24 2.35 9.24
C GLN A 32 0.06 2.62 10.74
N PHE A 33 -0.97 3.36 11.14
CA PHE A 33 -1.16 3.56 12.57
C PHE A 33 -2.55 3.29 13.13
N VAL A 34 -3.57 3.20 12.26
CA VAL A 34 -4.92 2.82 12.67
C VAL A 34 -5.60 1.96 11.62
N ARG A 35 -6.64 1.25 12.05
CA ARG A 35 -7.52 0.47 11.20
C ARG A 35 -8.93 0.47 11.79
N PHE A 36 -9.90 0.27 10.90
CA PHE A 36 -11.30 0.00 11.24
C PHE A 36 -11.79 -1.02 10.24
N ASP A 37 -12.52 -2.05 10.68
CA ASP A 37 -13.19 -2.97 9.78
C ASP A 37 -14.63 -3.21 10.28
N SER A 38 -15.61 -2.86 9.44
CA SER A 38 -17.02 -3.05 9.77
C SER A 38 -17.41 -4.51 9.97
N ASP A 39 -16.62 -5.43 9.42
CA ASP A 39 -16.85 -6.88 9.62
C ASP A 39 -16.32 -7.48 10.92
N ALA A 40 -15.57 -6.71 11.70
CA ALA A 40 -15.00 -7.24 12.94
C ALA A 40 -16.09 -7.54 13.96
N ALA A 41 -15.79 -8.46 14.87
CA ALA A 41 -16.75 -8.83 15.89
C ALA A 41 -17.15 -7.58 16.66
N SER A 42 -16.15 -6.77 17.03
CA SER A 42 -16.44 -5.52 17.70
C SER A 42 -15.78 -4.35 16.94
N PRO A 43 -16.47 -3.80 15.90
CA PRO A 43 -15.74 -2.82 15.06
C PRO A 43 -15.42 -1.52 15.82
N ARG A 44 -14.14 -1.16 15.81
CA ARG A 44 -13.70 0.09 16.39
C ARG A 44 -12.46 0.59 15.66
N MET A 45 -12.19 1.89 15.73
CA MET A 45 -10.85 2.35 15.31
C MET A 45 -9.84 1.73 16.29
N ALA A 46 -8.84 1.04 15.76
CA ALA A 46 -7.87 0.26 16.57
C ALA A 46 -6.41 0.66 16.24
N PRO A 47 -5.52 0.69 17.24
CA PRO A 47 -4.11 1.05 17.05
C PRO A 47 -3.33 0.02 16.20
N ARG A 48 -2.46 0.50 15.31
CA ARG A 48 -1.57 -0.38 14.54
C ARG A 48 -0.10 0.05 14.64
N ALA A 49 0.15 1.03 15.50
CA ALA A 49 1.51 1.48 15.79
C ALA A 49 1.66 1.86 17.27
N PRO A 50 2.86 1.65 17.85
CA PRO A 50 3.05 1.87 19.29
C PRO A 50 2.74 3.30 19.76
N TRP A 51 3.06 4.29 18.93
CA TRP A 51 3.05 5.70 19.37
C TRP A 51 1.66 6.34 19.35
N ILE A 52 0.70 5.63 18.78
CA ILE A 52 -0.69 6.04 18.86
C ILE A 52 -1.46 5.48 20.07
N GLU A 53 -0.94 4.41 20.67
CA GLU A 53 -1.66 3.76 21.78
C GLU A 53 -1.94 4.70 22.95
N GLN A 54 -1.04 5.66 23.16
CA GLN A 54 -1.16 6.62 24.25
C GLN A 54 -2.36 7.56 24.14
N GLU A 55 -2.98 7.69 22.95
CA GLU A 55 -4.21 8.49 22.84
C GLU A 55 -5.32 7.96 23.78
N GLY A 56 -6.06 8.86 24.43
CA GLY A 56 -7.02 8.43 25.44
C GLY A 56 -8.35 7.93 24.87
N PRO A 57 -9.27 7.49 25.76
CA PRO A 57 -10.60 7.06 25.36
C PRO A 57 -11.38 8.04 24.47
N GLU A 58 -11.26 9.34 24.68
CA GLU A 58 -12.04 10.26 23.85
C GLU A 58 -11.53 10.19 22.39
N TYR A 59 -10.23 10.04 22.21
CA TYR A 59 -9.69 9.91 20.88
C TYR A 59 -10.33 8.73 20.19
N TRP A 60 -10.17 7.54 20.80
CA TRP A 60 -10.66 6.28 20.24
C TRP A 60 -12.18 6.24 20.08
N ASP A 61 -12.93 6.74 21.08
CA ASP A 61 -14.37 6.79 20.89
C ASP A 61 -14.72 7.70 19.71
N GLY A 62 -14.06 8.86 19.59
CA GLY A 62 -14.38 9.79 18.49
C GLY A 62 -14.09 9.21 17.09
N GLU A 63 -12.97 8.51 16.97
CA GLU A 63 -12.57 7.90 15.68
C GLU A 63 -13.53 6.76 15.31
N THR A 64 -13.88 5.95 16.30
CA THR A 64 -14.85 4.87 16.13
C THR A 64 -16.21 5.40 15.67
N ARG A 65 -16.71 6.43 16.34
CA ARG A 65 -17.97 7.03 15.93
C ARG A 65 -17.95 7.57 14.50
N ASN A 66 -16.88 8.28 14.17
CA ASN A 66 -16.65 8.79 12.83
C ASN A 66 -16.68 7.61 11.81
N MET A 67 -15.90 6.55 12.07
CA MET A 67 -15.82 5.43 11.08
C MET A 67 -17.17 4.70 10.89
N LYS A 68 -17.91 4.53 11.98
CA LYS A 68 -19.27 3.94 11.90
C LYS A 68 -20.23 4.78 11.07
N ALA A 69 -20.27 6.09 11.34
CA ALA A 69 -21.04 7.03 10.54
C ALA A 69 -20.55 7.05 9.07
N SER A 70 -19.24 7.00 8.84
CA SER A 70 -18.69 6.94 7.46
C SER A 70 -19.13 5.69 6.72
N ALA A 71 -19.16 4.57 7.45
CA ALA A 71 -19.60 3.31 6.88
C ALA A 71 -21.05 3.45 6.43
N GLN A 72 -21.90 4.06 7.26
CA GLN A 72 -23.28 4.29 6.85
C GLN A 72 -23.39 5.17 5.61
N THR A 73 -22.67 6.28 5.59
CA THR A 73 -22.72 7.18 4.45
C THR A 73 -22.22 6.50 3.17
N TYR A 74 -21.12 5.75 3.27
CA TYR A 74 -20.57 5.08 2.07
C TYR A 74 -21.46 3.95 1.53
N ARG A 75 -22.24 3.33 2.41
CA ARG A 75 -23.32 2.45 1.96
C ARG A 75 -24.37 3.16 1.10
N GLU A 76 -24.77 4.36 1.53
CA GLU A 76 -25.64 5.19 0.72
C GLU A 76 -24.98 5.63 -0.61
N ASN A 77 -23.71 6.05 -0.56
CA ASN A 77 -22.99 6.40 -1.82
C ASN A 77 -22.93 5.26 -2.83
N LEU A 78 -22.80 4.02 -2.36
CA LEU A 78 -22.80 2.87 -3.28
C LEU A 78 -24.16 2.76 -3.95
N ARG A 79 -25.23 3.02 -3.18
CA ARG A 79 -26.60 2.95 -3.74
C ARG A 79 -26.80 4.04 -4.76
N ILE A 80 -26.30 5.22 -4.45
CA ILE A 80 -26.36 6.38 -5.33
C ILE A 80 -25.57 6.12 -6.64
N ALA A 81 -24.35 5.63 -6.51
CA ALA A 81 -23.50 5.40 -7.71
C ALA A 81 -24.18 4.43 -8.67
N LEU A 82 -24.85 3.43 -8.12
CA LEU A 82 -25.68 2.50 -8.88
C LEU A 82 -26.69 3.23 -9.78
N ARG A 83 -27.37 4.22 -9.21
CA ARG A 83 -28.34 5.01 -9.99
C ARG A 83 -27.63 5.84 -11.04
N TYR A 84 -26.49 6.43 -10.70
CA TYR A 84 -25.83 7.35 -11.62
C TYR A 84 -25.23 6.62 -12.85
N TYR A 85 -24.97 5.32 -12.73
CA TYR A 85 -24.37 4.54 -13.82
C TYR A 85 -25.35 3.53 -14.43
N ASN A 86 -26.61 3.66 -14.05
CA ASN A 86 -27.72 2.79 -14.53
C ASN A 86 -27.43 1.34 -14.28
N GLN A 87 -26.92 1.02 -13.08
CA GLN A 87 -26.47 -0.33 -12.79
C GLN A 87 -27.45 -1.16 -11.97
N SER A 88 -27.38 -2.49 -12.08
CA SER A 88 -28.34 -3.30 -11.34
C SER A 88 -27.88 -3.50 -9.89
N GLU A 89 -28.83 -3.88 -9.05
CA GLU A 89 -28.55 -4.14 -7.67
C GLU A 89 -27.94 -5.53 -7.45
N ALA A 90 -27.70 -6.30 -8.51
CA ALA A 90 -27.14 -7.65 -8.35
C ALA A 90 -25.61 -7.73 -8.34
N GLY A 91 -24.94 -6.70 -8.84
CA GLY A 91 -23.47 -6.73 -8.96
C GLY A 91 -22.74 -6.15 -7.72
N SER A 92 -21.47 -6.47 -7.62
CA SER A 92 -20.67 -6.02 -6.51
C SER A 92 -19.83 -4.84 -6.96
N HIS A 93 -19.86 -3.75 -6.17
CA HIS A 93 -19.10 -2.54 -6.50
C HIS A 93 -18.26 -1.99 -5.36
N ILE A 94 -17.28 -1.15 -5.71
CA ILE A 94 -16.34 -0.56 -4.74
C ILE A 94 -16.21 0.97 -4.82
N ILE A 95 -16.35 1.66 -3.69
CA ILE A 95 -15.94 3.06 -3.59
C ILE A 95 -14.66 3.15 -2.79
N GLN A 96 -13.72 3.95 -3.25
CA GLN A 96 -12.49 4.18 -2.48
C GLN A 96 -12.22 5.64 -2.34
N VAL A 97 -11.58 6.00 -1.23
CA VAL A 97 -11.30 7.40 -0.95
C VAL A 97 -9.90 7.43 -0.37
N MET A 98 -9.13 8.43 -0.78
CA MET A 98 -7.87 8.74 -0.14
C MET A 98 -7.86 10.23 0.11
N TYR A 99 -7.48 10.64 1.31
CA TYR A 99 -7.33 12.06 1.62
C TYR A 99 -6.20 12.28 2.63
N GLY A 100 -5.66 13.49 2.65
CA GLY A 100 -4.67 13.82 3.69
C GLY A 100 -3.80 15.01 3.35
N CYS A 101 -2.75 15.21 4.14
CA CYS A 101 -1.94 16.40 4.02
C CYS A 101 -0.46 16.04 3.92
N ASP A 102 0.29 16.90 3.27
CA ASP A 102 1.75 16.82 3.20
C ASP A 102 2.28 18.06 3.89
N VAL A 103 3.28 17.89 4.74
CA VAL A 103 3.95 19.03 5.37
C VAL A 103 5.45 19.01 5.07
N GLY A 104 6.05 20.20 5.10
CA GLY A 104 7.48 20.34 4.92
C GLY A 104 8.20 20.22 6.25
N PRO A 105 9.54 20.33 6.21
CA PRO A 105 10.42 20.28 7.39
C PRO A 105 9.99 21.17 8.55
N ASP A 106 9.42 22.34 8.25
CA ASP A 106 8.92 23.26 9.30
C ASP A 106 7.51 22.90 9.75
N GLY A 107 6.92 21.92 9.08
CA GLY A 107 5.60 21.44 9.42
C GLY A 107 4.43 22.22 8.86
N ARG A 108 4.68 23.16 7.95
CA ARG A 108 3.58 23.86 7.27
C ARG A 108 3.02 23.03 6.10
N LEU A 109 1.75 23.25 5.77
CA LEU A 109 1.08 22.51 4.69
C LEU A 109 1.81 22.71 3.37
N LEU A 110 2.17 21.61 2.71
CA LEU A 110 2.72 21.71 1.35
C LEU A 110 1.63 21.50 0.33
N ARG A 111 0.81 20.48 0.57
CA ARG A 111 -0.44 20.31 -0.17
C ARG A 111 -1.43 19.36 0.48
N GLY A 112 -2.69 19.50 0.09
CA GLY A 112 -3.75 18.63 0.57
C GLY A 112 -4.28 17.78 -0.56
N HIS A 113 -4.96 16.70 -0.20
CA HIS A 113 -5.46 15.73 -1.14
C HIS A 113 -6.82 15.24 -0.71
N ASP A 114 -7.70 15.01 -1.68
CA ASP A 114 -8.95 14.28 -1.42
C ASP A 114 -9.45 13.72 -2.75
N GLN A 115 -9.30 12.41 -2.95
CA GLN A 115 -9.69 11.78 -4.20
C GLN A 115 -10.58 10.59 -3.97
N SER A 116 -11.53 10.37 -4.88
CA SER A 116 -12.42 9.24 -4.80
C SER A 116 -12.46 8.44 -6.08
N ALA A 117 -12.78 7.15 -5.95
CA ALA A 117 -12.84 6.27 -7.12
C ALA A 117 -14.06 5.41 -7.00
N TYR A 118 -14.57 4.97 -8.16
CA TYR A 118 -15.66 4.04 -8.23
C TYR A 118 -15.20 2.88 -9.10
N ASP A 119 -15.29 1.67 -8.56
CA ASP A 119 -14.84 0.47 -9.28
C ASP A 119 -13.41 0.62 -9.82
N GLY A 120 -12.55 1.28 -9.04
CA GLY A 120 -11.10 1.38 -9.41
C GLY A 120 -10.73 2.44 -10.44
N LYS A 121 -11.72 3.23 -10.83
CA LYS A 121 -11.54 4.34 -11.74
C LYS A 121 -11.76 5.64 -11.02
N ASP A 122 -10.94 6.64 -11.35
CA ASP A 122 -11.16 8.00 -10.85
C ASP A 122 -12.59 8.47 -11.01
N TYR A 123 -13.11 9.05 -9.93
CA TYR A 123 -14.49 9.53 -9.89
C TYR A 123 -14.49 11.05 -9.69
N ILE A 124 -14.03 11.53 -8.53
CA ILE A 124 -13.96 12.96 -8.28
C ILE A 124 -12.74 13.26 -7.40
N ALA A 125 -12.02 14.33 -7.71
CA ALA A 125 -10.85 14.76 -6.96
C ALA A 125 -10.92 16.27 -6.63
N LEU A 126 -10.62 16.61 -5.38
CA LEU A 126 -10.31 18.00 -5.00
C LEU A 126 -9.00 18.44 -5.65
N ASN A 127 -9.05 19.57 -6.34
CA ASN A 127 -7.90 20.15 -6.98
C ASN A 127 -6.92 20.71 -5.94
N GLU A 128 -5.68 20.95 -6.37
CA GLU A 128 -4.64 21.42 -5.46
C GLU A 128 -4.99 22.74 -4.77
N ASP A 129 -5.86 23.53 -5.39
CA ASP A 129 -6.35 24.78 -4.77
C ASP A 129 -7.21 24.57 -3.53
N LEU A 130 -7.64 23.33 -3.30
CA LEU A 130 -8.54 22.99 -2.16
C LEU A 130 -9.82 23.81 -2.21
N SER A 131 -10.20 24.22 -3.42
CA SER A 131 -11.43 24.99 -3.65
C SER A 131 -12.25 24.49 -4.82
N SER A 132 -11.64 23.84 -5.80
CA SER A 132 -12.40 23.38 -6.97
C SER A 132 -12.24 21.87 -7.19
N TRP A 133 -13.08 21.26 -8.04
CA TRP A 133 -13.17 19.81 -8.19
C TRP A 133 -12.92 19.37 -9.63
N THR A 134 -12.31 18.22 -9.80
CA THR A 134 -12.22 17.60 -11.13
C THR A 134 -13.02 16.32 -11.08
N ALA A 135 -14.12 16.29 -11.86
CA ALA A 135 -15.03 15.14 -12.03
C ALA A 135 -14.63 14.37 -13.26
N ALA A 136 -14.61 13.04 -13.17
CA ALA A 136 -14.10 12.21 -14.27
C ALA A 136 -15.08 11.91 -15.42
N ASP A 137 -16.36 12.12 -15.18
CA ASP A 137 -17.41 11.74 -16.13
C ASP A 137 -18.69 12.44 -15.67
N THR A 138 -19.79 12.21 -16.40
CA THR A 138 -21.03 12.96 -16.15
C THR A 138 -21.73 12.57 -14.86
N ALA A 139 -21.47 11.36 -14.35
CA ALA A 139 -22.02 10.94 -13.05
C ALA A 139 -21.37 11.73 -11.92
N ALA A 140 -20.03 11.74 -11.91
CA ALA A 140 -19.28 12.54 -10.94
C ALA A 140 -19.57 14.04 -11.04
N GLN A 141 -19.91 14.52 -12.25
CA GLN A 141 -20.37 15.89 -12.39
C GLN A 141 -21.61 16.19 -11.54
N ILE A 142 -22.50 15.20 -11.35
CA ILE A 142 -23.67 15.37 -10.48
C ILE A 142 -23.21 15.55 -9.03
N THR A 143 -22.31 14.69 -8.59
CA THR A 143 -21.70 14.83 -7.28
C THR A 143 -21.03 16.19 -7.08
N GLN A 144 -20.28 16.63 -8.10
CA GLN A 144 -19.62 17.94 -8.09
C GLN A 144 -20.62 19.07 -7.84
N ARG A 145 -21.73 19.06 -8.57
CA ARG A 145 -22.75 20.11 -8.41
C ARG A 145 -23.27 20.11 -6.98
N LYS A 146 -23.60 18.94 -6.42
CA LYS A 146 -24.03 18.83 -4.99
C LYS A 146 -23.00 19.37 -3.98
N TRP A 147 -21.75 19.00 -4.19
CA TRP A 147 -20.67 19.36 -3.30
C TRP A 147 -20.33 20.85 -3.42
N GLU A 148 -20.45 21.39 -4.63
CA GLU A 148 -20.33 22.84 -4.82
C GLU A 148 -21.45 23.57 -4.07
N ALA A 149 -22.68 23.09 -4.18
CA ALA A 149 -23.81 23.70 -3.44
C ALA A 149 -23.66 23.62 -1.93
N ALA A 150 -23.04 22.56 -1.44
CA ALA A 150 -22.90 22.36 0.00
C ALA A 150 -21.56 22.81 0.55
N ARG A 151 -20.75 23.50 -0.27
CA ARG A 151 -19.45 24.01 0.22
C ARG A 151 -18.56 22.92 0.87
N VAL A 152 -18.52 21.74 0.26
CA VAL A 152 -17.70 20.65 0.75
C VAL A 152 -16.20 20.98 0.63
N ALA A 153 -15.80 21.65 -0.46
CA ALA A 153 -14.38 21.97 -0.64
C ALA A 153 -13.85 22.84 0.50
N GLU A 154 -14.68 23.78 0.96
CA GLU A 154 -14.34 24.64 2.10
C GLU A 154 -14.14 23.85 3.41
N GLN A 155 -14.99 22.87 3.65
CA GLN A 155 -14.81 22.02 4.84
C GLN A 155 -13.52 21.22 4.80
N LEU A 156 -13.22 20.65 3.64
CA LEU A 156 -11.99 19.88 3.43
C LEU A 156 -10.81 20.75 3.62
N ARG A 157 -10.85 21.96 3.07
CA ARG A 157 -9.74 22.89 3.21
C ARG A 157 -9.49 23.25 4.69
N ALA A 158 -10.56 23.51 5.42
CA ALA A 158 -10.41 23.81 6.86
C ALA A 158 -9.74 22.66 7.60
N TYR A 159 -10.16 21.43 7.31
CA TYR A 159 -9.50 20.24 7.88
C TYR A 159 -8.05 20.09 7.38
N LEU A 160 -7.84 20.19 6.07
CA LEU A 160 -6.48 19.93 5.57
C LEU A 160 -5.45 20.92 6.06
N GLU A 161 -5.86 22.18 6.20
CA GLU A 161 -4.92 23.21 6.64
C GLU A 161 -4.79 23.25 8.16
N GLY A 162 -5.81 22.75 8.85
CA GLY A 162 -5.85 22.84 10.31
C GLY A 162 -5.60 21.52 11.02
N LEU A 163 -6.67 20.82 11.39
CA LEU A 163 -6.56 19.56 12.15
C LEU A 163 -5.58 18.53 11.54
N CYS A 164 -5.63 18.40 10.22
CA CYS A 164 -4.82 17.34 9.55
C CYS A 164 -3.33 17.62 9.86
N VAL A 165 -2.88 18.83 9.62
CA VAL A 165 -1.51 19.22 9.87
C VAL A 165 -1.17 19.17 11.38
N GLU A 166 -2.09 19.62 12.23
CA GLU A 166 -1.81 19.67 13.67
C GLU A 166 -1.67 18.25 14.25
N TRP A 167 -2.52 17.33 13.80
CA TRP A 167 -2.50 15.96 14.32
C TRP A 167 -1.30 15.23 13.73
N LEU A 168 -1.01 15.48 12.46
CA LEU A 168 0.21 14.92 11.85
C LEU A 168 1.46 15.35 12.63
N ARG A 169 1.56 16.65 12.96
CA ARG A 169 2.68 17.17 13.71
C ARG A 169 2.76 16.52 15.09
N ARG A 170 1.63 16.27 15.72
CA ARG A 170 1.59 15.58 17.01
C ARG A 170 2.05 14.13 16.91
N TYR A 171 1.57 13.42 15.89
CA TYR A 171 2.02 12.02 15.68
C TYR A 171 3.52 11.95 15.44
N LEU A 172 4.01 12.93 14.71
CA LEU A 172 5.42 12.94 14.30
C LEU A 172 6.31 13.13 15.52
N GLU A 173 5.84 13.93 16.48
CA GLU A 173 6.56 14.07 17.76
C GLU A 173 6.42 12.79 18.61
N ASN A 174 5.19 12.32 18.82
CA ASN A 174 4.96 11.12 19.63
C ASN A 174 5.71 9.90 19.07
N GLY A 175 5.85 9.85 17.75
CA GLY A 175 6.54 8.72 17.12
C GLY A 175 7.91 9.08 16.58
N LYS A 176 8.55 10.09 17.19
CA LYS A 176 9.83 10.61 16.61
C LYS A 176 10.94 9.54 16.44
N GLU A 177 11.03 8.58 17.36
CA GLU A 177 12.03 7.50 17.25
C GLU A 177 12.02 6.71 15.92
N THR A 178 10.85 6.59 15.31
CA THR A 178 10.66 5.72 14.17
C THR A 178 10.23 6.57 12.98
N LEU A 179 9.21 7.41 13.16
CA LEU A 179 8.71 8.26 12.07
C LEU A 179 9.76 9.23 11.56
N GLN A 180 10.67 9.67 12.44
CA GLN A 180 11.74 10.57 12.04
C GLN A 180 13.12 9.91 11.93
N ARG A 181 13.13 8.58 11.73
CA ARG A 181 14.36 7.85 11.51
C ARG A 181 14.29 7.13 10.17
N ALA A 182 15.21 7.45 9.29
CA ALA A 182 15.43 6.67 8.05
C ALA A 182 16.39 5.51 8.31
N ASP A 183 16.09 4.33 7.77
CA ASP A 183 17.01 3.20 7.87
C ASP A 183 17.59 2.95 6.47
N PRO A 184 18.91 3.06 6.31
CA PRO A 184 19.42 2.98 4.94
C PRO A 184 19.37 1.52 4.42
N PRO A 185 19.33 1.33 3.09
CA PRO A 185 19.34 -0.06 2.70
C PRO A 185 20.68 -0.73 2.99
N LYS A 186 20.64 -2.02 3.26
CA LYS A 186 21.82 -2.86 3.20
C LYS A 186 21.86 -3.42 1.78
N THR A 187 23.01 -3.29 1.11
CA THR A 187 23.09 -3.57 -0.32
C THR A 187 24.16 -4.60 -0.72
N HIS A 188 23.88 -5.43 -1.71
CA HIS A 188 24.89 -6.35 -2.26
C HIS A 188 24.50 -6.80 -3.67
N VAL A 189 25.45 -7.36 -4.43
CA VAL A 189 25.21 -7.83 -5.80
C VAL A 189 25.41 -9.34 -5.84
N THR A 190 24.43 -10.05 -6.39
CA THR A 190 24.56 -11.50 -6.50
C THR A 190 24.68 -11.87 -7.98
N HIS A 191 25.18 -13.07 -8.22
CA HIS A 191 25.53 -13.47 -9.57
C HIS A 191 24.94 -14.87 -9.73
N HIS A 192 24.12 -15.04 -10.78
CA HIS A 192 23.41 -16.31 -11.05
C HIS A 192 23.67 -16.69 -12.54
N PRO A 193 24.61 -17.64 -12.79
CA PRO A 193 24.88 -18.03 -14.17
C PRO A 193 23.61 -18.52 -14.83
N ILE A 194 23.37 -18.20 -16.11
CA ILE A 194 22.24 -18.83 -16.79
C ILE A 194 22.66 -19.84 -17.88
N SER A 195 23.74 -19.52 -18.59
CA SER A 195 24.29 -20.44 -19.58
C SER A 195 25.80 -20.19 -19.61
N ASP A 196 26.52 -20.86 -20.50
CA ASP A 196 27.93 -20.57 -20.64
C ASP A 196 28.14 -19.10 -21.03
N HIS A 197 27.17 -18.50 -21.71
CA HIS A 197 27.40 -17.24 -22.41
C HIS A 197 26.79 -16.01 -21.70
N GLU A 198 25.96 -16.26 -20.67
CA GLU A 198 25.24 -15.21 -19.94
C GLU A 198 25.10 -15.53 -18.45
N ALA A 199 24.94 -14.47 -17.67
CA ALA A 199 24.61 -14.60 -16.26
C ALA A 199 23.76 -13.40 -15.81
N THR A 200 22.98 -13.58 -14.75
CA THR A 200 22.18 -12.49 -14.19
C THR A 200 22.99 -11.82 -13.08
N LEU A 201 23.02 -10.47 -13.05
CA LEU A 201 23.50 -9.76 -11.86
C LEU A 201 22.30 -9.17 -11.14
N ARG A 202 22.20 -9.36 -9.83
CA ARG A 202 21.00 -8.89 -9.14
C ARG A 202 21.48 -8.04 -7.98
N CYS A 203 21.03 -6.79 -7.99
CA CYS A 203 21.45 -5.81 -6.99
C CYS A 203 20.30 -5.69 -5.98
N TRP A 204 20.60 -5.92 -4.71
CA TRP A 204 19.61 -6.00 -3.63
C TRP A 204 19.68 -4.78 -2.69
N ALA A 205 18.51 -4.30 -2.23
CA ALA A 205 18.42 -3.30 -1.15
C ALA A 205 17.48 -3.91 -0.12
N LEU A 206 17.96 -4.04 1.13
CA LEU A 206 17.21 -4.71 2.18
C LEU A 206 17.17 -3.85 3.43
N GLY A 207 16.11 -4.02 4.21
CA GLY A 207 15.97 -3.40 5.53
C GLY A 207 15.83 -1.90 5.51
N PHE A 208 15.35 -1.29 4.43
CA PHE A 208 15.25 0.17 4.39
C PHE A 208 13.88 0.77 4.74
N TYR A 209 13.91 2.01 5.22
CA TYR A 209 12.71 2.78 5.59
C TYR A 209 13.08 4.26 5.41
N PRO A 210 12.24 5.06 4.70
CA PRO A 210 10.93 4.79 4.14
C PRO A 210 11.06 3.98 2.81
N ALA A 211 9.93 3.71 2.15
CA ALA A 211 9.93 2.82 0.95
C ALA A 211 10.60 3.43 -0.26
N GLU A 212 10.64 4.76 -0.33
CA GLU A 212 11.13 5.44 -1.53
C GLU A 212 12.62 5.10 -1.77
N ILE A 213 12.95 4.65 -2.99
CA ILE A 213 14.33 4.26 -3.28
C ILE A 213 14.54 4.21 -4.80
N THR A 214 15.77 4.37 -5.25
CA THR A 214 16.09 4.21 -6.68
C THR A 214 17.23 3.24 -6.78
N LEU A 215 17.02 2.17 -7.57
CA LEU A 215 18.07 1.18 -7.89
C LEU A 215 18.20 1.14 -9.39
N THR A 216 19.41 1.33 -9.91
CA THR A 216 19.58 1.37 -11.36
C THR A 216 20.89 0.66 -11.71
N TRP A 217 20.93 0.01 -12.88
CA TRP A 217 22.14 -0.60 -13.39
C TRP A 217 22.67 0.28 -14.50
N GLN A 218 23.99 0.50 -14.50
CA GLN A 218 24.65 1.07 -15.67
C GLN A 218 25.58 0.04 -16.27
N ARG A 219 25.71 0.06 -17.60
CA ARG A 219 26.72 -0.71 -18.35
C ARG A 219 27.61 0.34 -19.00
N ASP A 220 28.91 0.34 -18.69
CA ASP A 220 29.84 1.38 -19.18
C ASP A 220 29.33 2.79 -18.87
N GLY A 221 28.76 2.97 -17.69
CA GLY A 221 28.32 4.29 -17.22
C GLY A 221 27.00 4.76 -17.80
N GLU A 222 26.37 3.94 -18.64
CA GLU A 222 25.09 4.27 -19.28
C GLU A 222 23.92 3.50 -18.66
N ASP A 223 22.90 4.24 -18.17
CA ASP A 223 21.69 3.65 -17.62
C ASP A 223 21.06 2.58 -18.50
N GLN A 224 20.74 1.44 -17.88
CA GLN A 224 20.18 0.30 -18.58
C GLN A 224 18.66 0.17 -18.39
N THR A 225 17.96 1.30 -18.38
CA THR A 225 16.55 1.33 -17.99
C THR A 225 15.73 0.28 -18.73
N GLN A 226 15.82 0.27 -20.06
CA GLN A 226 15.06 -0.68 -20.86
C GLN A 226 15.45 -2.14 -20.68
N ASP A 227 16.65 -2.40 -20.20
CA ASP A 227 17.13 -3.77 -20.04
C ASP A 227 17.23 -4.24 -18.59
N THR A 228 16.61 -3.52 -17.67
CA THR A 228 16.65 -3.91 -16.26
C THR A 228 15.29 -4.49 -15.81
N GLU A 229 15.32 -5.65 -15.14
CA GLU A 229 14.11 -6.15 -14.49
C GLU A 229 14.13 -5.59 -13.07
N LEU A 230 13.10 -4.83 -12.74
CA LEU A 230 13.02 -4.12 -11.47
C LEU A 230 11.74 -4.57 -10.74
N VAL A 231 11.83 -5.25 -9.58
CA VAL A 231 10.60 -5.72 -8.89
C VAL A 231 9.98 -4.56 -8.07
N GLU A 232 8.66 -4.62 -7.82
CA GLU A 232 7.96 -3.67 -6.93
C GLU A 232 8.62 -3.72 -5.55
N THR A 233 8.83 -2.54 -4.95
CA THR A 233 9.27 -2.44 -3.56
C THR A 233 8.28 -3.21 -2.71
N ARG A 234 8.78 -4.01 -1.78
CA ARG A 234 7.91 -4.96 -1.09
C ARG A 234 8.15 -4.87 0.41
N PRO A 235 7.10 -5.06 1.23
CA PRO A 235 7.33 -4.93 2.67
C PRO A 235 7.90 -6.22 3.30
N ALA A 236 8.91 -6.07 4.14
CA ALA A 236 9.52 -7.19 4.84
C ALA A 236 8.65 -7.70 5.98
N GLY A 237 7.82 -6.82 6.53
CA GLY A 237 6.99 -7.21 7.64
C GLY A 237 7.47 -6.66 8.98
N ASP A 238 8.65 -6.01 8.98
CA ASP A 238 9.20 -5.41 10.23
C ASP A 238 9.28 -3.89 10.16
N ARG A 239 8.36 -3.30 9.38
CA ARG A 239 8.35 -1.89 8.98
C ARG A 239 9.21 -1.58 7.76
N THR A 240 10.22 -2.40 7.49
CA THR A 240 11.15 -2.05 6.43
C THR A 240 10.73 -2.66 5.09
N PHE A 241 11.49 -2.32 4.03
CA PHE A 241 11.14 -2.65 2.64
C PHE A 241 12.37 -3.28 1.99
N GLN A 242 12.14 -3.98 0.87
CA GLN A 242 13.15 -4.66 0.08
C GLN A 242 12.88 -4.36 -1.41
N LYS A 243 13.93 -4.33 -2.24
CA LYS A 243 13.72 -4.21 -3.70
C LYS A 243 14.97 -4.83 -4.28
N TRP A 244 14.84 -5.37 -5.49
CA TRP A 244 16.01 -5.71 -6.33
C TRP A 244 15.87 -5.27 -7.80
N ALA A 245 17.02 -5.19 -8.49
CA ALA A 245 17.07 -4.85 -9.92
C ALA A 245 18.02 -5.84 -10.55
N ALA A 246 17.71 -6.34 -11.74
CA ALA A 246 18.58 -7.34 -12.32
C ALA A 246 18.82 -7.07 -13.80
N VAL A 247 19.95 -7.54 -14.28
CA VAL A 247 20.34 -7.36 -15.65
C VAL A 247 20.98 -8.67 -16.09
N VAL A 248 20.74 -9.05 -17.34
CA VAL A 248 21.37 -10.24 -17.91
C VAL A 248 22.62 -9.79 -18.65
N VAL A 249 23.77 -10.31 -18.26
CA VAL A 249 25.03 -9.79 -18.77
C VAL A 249 25.87 -10.87 -19.50
N PRO A 250 26.60 -10.46 -20.54
CA PRO A 250 27.44 -11.48 -21.23
C PRO A 250 28.60 -11.91 -20.32
N SER A 251 28.76 -13.22 -20.16
CA SER A 251 29.95 -13.86 -19.53
C SER A 251 31.22 -13.08 -19.76
N GLY A 252 32.01 -12.91 -18.71
CA GLY A 252 33.21 -12.10 -18.81
C GLY A 252 33.04 -10.59 -18.80
N GLU A 253 31.82 -10.08 -18.99
CA GLU A 253 31.62 -8.62 -19.03
C GLU A 253 31.03 -8.02 -17.72
N GLU A 254 31.02 -8.82 -16.65
CA GLU A 254 30.36 -8.41 -15.40
C GLU A 254 30.87 -7.07 -14.83
N GLN A 255 32.17 -6.82 -15.01
CA GLN A 255 32.80 -5.63 -14.44
C GLN A 255 32.46 -4.31 -15.14
N ARG A 256 31.83 -4.41 -16.32
CA ARG A 256 31.32 -3.22 -17.01
C ARG A 256 30.00 -2.70 -16.37
N TYR A 257 29.46 -3.45 -15.41
CA TYR A 257 28.15 -3.17 -14.87
C TYR A 257 28.28 -2.64 -13.44
N THR A 258 27.49 -1.63 -13.11
CA THR A 258 27.57 -1.03 -11.80
C THR A 258 26.12 -0.75 -11.35
N CYS A 259 25.85 -1.01 -10.08
CA CYS A 259 24.51 -0.78 -9.52
C CYS A 259 24.55 0.53 -8.73
N HIS A 260 23.54 1.36 -8.90
CA HIS A 260 23.53 2.66 -8.21
C HIS A 260 22.31 2.71 -7.32
N VAL A 261 22.50 3.20 -6.10
CA VAL A 261 21.46 3.13 -5.07
C VAL A 261 21.30 4.52 -4.45
N GLN A 262 20.08 5.06 -4.54
CA GLN A 262 19.73 6.31 -3.82
C GLN A 262 18.65 6.06 -2.81
N HIS A 263 18.87 6.59 -1.60
CA HIS A 263 17.91 6.48 -0.53
C HIS A 263 18.17 7.59 0.49
N GLU A 264 17.10 8.16 1.00
CA GLU A 264 17.13 9.25 1.97
C GLU A 264 18.01 8.93 3.18
N GLY A 265 18.17 7.64 3.47
CA GLY A 265 18.97 7.21 4.62
C GLY A 265 20.48 7.21 4.38
N LEU A 266 20.89 7.36 3.11
CA LEU A 266 22.31 7.32 2.72
C LEU A 266 22.86 8.74 2.58
N PRO A 267 24.00 9.06 3.23
CA PRO A 267 24.56 10.41 3.04
C PRO A 267 24.94 10.72 1.57
N LYS A 268 25.26 9.69 0.78
CA LYS A 268 25.43 9.88 -0.67
C LYS A 268 25.06 8.62 -1.46
N PRO A 269 24.72 8.78 -2.75
CA PRO A 269 24.34 7.58 -3.52
C PRO A 269 25.47 6.53 -3.52
N LEU A 270 25.12 5.24 -3.61
CA LEU A 270 26.13 4.19 -3.59
C LEU A 270 26.31 3.57 -4.96
N THR A 271 27.54 3.17 -5.25
CA THR A 271 27.83 2.41 -6.45
C THR A 271 28.34 1.06 -5.97
N LEU A 272 27.77 -0.02 -6.49
CA LEU A 272 28.22 -1.39 -6.21
C LEU A 272 28.48 -2.16 -7.50
N ARG A 273 29.28 -3.20 -7.36
CA ARG A 273 29.52 -4.13 -8.45
C ARG A 273 29.62 -5.51 -7.83
N TRP A 274 29.62 -6.53 -8.68
CA TRP A 274 29.71 -7.90 -8.19
C TRP A 274 31.13 -8.13 -7.74
N ILE B 1 -13.65 -4.31 -16.50
CA ILE B 1 -12.19 -3.96 -16.37
C ILE B 1 -11.69 -4.20 -14.93
N GLN B 2 -10.88 -5.25 -14.78
CA GLN B 2 -10.43 -5.78 -13.49
C GLN B 2 -8.92 -6.04 -13.60
N ARG B 3 -8.24 -6.13 -12.47
CA ARG B 3 -6.80 -6.21 -12.50
C ARG B 3 -6.27 -7.41 -11.74
N THR B 4 -5.39 -8.16 -12.40
CA THR B 4 -4.91 -9.42 -11.86
C THR B 4 -3.76 -9.15 -10.89
N PRO B 5 -3.62 -9.97 -9.83
CA PRO B 5 -2.59 -9.64 -8.84
C PRO B 5 -1.17 -9.97 -9.29
N LYS B 6 -0.22 -9.11 -8.91
CA LYS B 6 1.19 -9.46 -8.89
C LYS B 6 1.43 -10.24 -7.60
N ILE B 7 2.43 -11.13 -7.64
CA ILE B 7 2.71 -12.04 -6.54
C ILE B 7 4.21 -12.09 -6.33
N GLN B 8 4.67 -11.73 -5.13
CA GLN B 8 6.04 -12.00 -4.72
C GLN B 8 6.05 -12.86 -3.48
N VAL B 9 6.89 -13.90 -3.52
CA VAL B 9 7.10 -14.82 -2.39
C VAL B 9 8.58 -14.79 -1.94
N TYR B 10 8.81 -14.46 -0.67
CA TYR B 10 10.15 -14.12 -0.19
C TYR B 10 10.19 -14.21 1.34
N SER B 11 11.40 -14.15 1.91
CA SER B 11 11.51 -14.19 3.34
C SER B 11 11.83 -12.80 3.89
N ARG B 12 11.44 -12.56 5.13
CA ARG B 12 11.76 -11.31 5.80
C ARG B 12 13.26 -11.09 5.90
N HIS B 13 13.98 -12.16 6.26
CA HIS B 13 15.43 -12.11 6.47
C HIS B 13 16.12 -13.05 5.49
N PRO B 14 17.43 -12.82 5.16
CA PRO B 14 18.10 -13.79 4.26
C PRO B 14 17.87 -15.22 4.79
N ALA B 15 17.59 -16.17 3.90
CA ALA B 15 17.25 -17.50 4.37
C ALA B 15 18.50 -18.22 4.88
N GLU B 16 18.37 -18.89 6.01
CA GLU B 16 19.43 -19.71 6.56
C GLU B 16 18.80 -20.98 7.10
N ASN B 17 19.14 -22.13 6.51
CA ASN B 17 18.51 -23.40 6.90
C ASN B 17 18.60 -23.65 8.40
N GLY B 18 17.50 -24.10 8.98
CA GLY B 18 17.40 -24.27 10.43
C GLY B 18 17.30 -22.99 11.25
N LYS B 19 17.34 -21.82 10.62
CA LYS B 19 17.09 -20.56 11.32
C LYS B 19 15.65 -20.07 11.10
N SER B 20 14.96 -19.73 12.18
CA SER B 20 13.57 -19.27 12.13
C SER B 20 13.46 -17.88 11.49
N ASN B 21 12.39 -17.67 10.74
CA ASN B 21 12.29 -16.55 9.80
C ASN B 21 10.80 -16.29 9.55
N PHE B 22 10.50 -15.38 8.63
CA PHE B 22 9.12 -15.19 8.19
C PHE B 22 9.00 -15.37 6.69
N LEU B 23 8.00 -16.16 6.29
CA LEU B 23 7.64 -16.35 4.90
C LEU B 23 6.56 -15.35 4.48
N ASN B 24 6.83 -14.57 3.43
CA ASN B 24 5.93 -13.50 2.98
C ASN B 24 5.37 -13.80 1.61
N CYS B 25 4.07 -13.63 1.45
CA CYS B 25 3.49 -13.51 0.12
C CYS B 25 2.81 -12.16 -0.01
N TYR B 26 3.38 -11.36 -0.89
CA TYR B 26 2.91 -10.00 -1.16
C TYR B 26 2.09 -9.99 -2.43
N VAL B 27 0.79 -9.70 -2.28
CA VAL B 27 -0.07 -9.54 -3.46
C VAL B 27 -0.45 -8.09 -3.64
N SER B 28 -0.36 -7.66 -4.90
CA SER B 28 -0.50 -6.24 -5.23
C SER B 28 -1.03 -6.01 -6.64
N GLY B 29 -1.42 -4.77 -6.92
CA GLY B 29 -1.95 -4.43 -8.25
C GLY B 29 -3.26 -5.04 -8.67
N PHE B 30 -3.99 -5.65 -7.75
CA PHE B 30 -5.27 -6.28 -8.09
C PHE B 30 -6.51 -5.39 -7.84
N HIS B 31 -7.56 -5.67 -8.60
CA HIS B 31 -8.89 -5.03 -8.42
C HIS B 31 -9.90 -6.00 -9.09
N PRO B 32 -11.01 -6.35 -8.42
CA PRO B 32 -11.44 -5.86 -7.10
C PRO B 32 -10.69 -6.50 -5.93
N SER B 33 -11.14 -6.19 -4.70
CA SER B 33 -10.34 -6.51 -3.52
C SER B 33 -10.42 -7.94 -3.00
N ASP B 34 -11.50 -8.66 -3.28
CA ASP B 34 -11.59 -10.02 -2.74
C ASP B 34 -10.49 -10.84 -3.34
N ILE B 35 -9.81 -11.60 -2.50
CA ILE B 35 -8.70 -12.40 -2.96
C ILE B 35 -8.48 -13.59 -2.03
N GLU B 36 -7.99 -14.69 -2.58
CA GLU B 36 -7.71 -15.87 -1.77
C GLU B 36 -6.22 -16.16 -1.81
N VAL B 37 -5.59 -16.17 -0.64
CA VAL B 37 -4.15 -16.44 -0.55
C VAL B 37 -3.84 -17.53 0.48
N ASP B 38 -3.19 -18.59 0.03
CA ASP B 38 -2.66 -19.60 0.96
C ASP B 38 -1.15 -19.70 0.83
N LEU B 39 -0.49 -19.92 1.96
CA LEU B 39 0.93 -20.27 1.99
C LEU B 39 1.00 -21.79 2.11
N LEU B 40 1.89 -22.40 1.33
CA LEU B 40 1.98 -23.85 1.22
C LEU B 40 3.33 -24.35 1.72
N LYS B 41 3.29 -25.43 2.51
CA LYS B 41 4.47 -26.16 2.90
C LYS B 41 4.39 -27.57 2.30
N ASN B 42 5.34 -27.90 1.43
CA ASN B 42 5.31 -29.14 0.67
C ASN B 42 3.91 -29.42 0.13
N GLY B 43 3.39 -28.48 -0.67
CA GLY B 43 2.06 -28.58 -1.25
C GLY B 43 0.88 -28.48 -0.31
N GLU B 44 1.11 -28.49 1.00
CA GLU B 44 -0.02 -28.42 1.94
C GLU B 44 -0.21 -27.07 2.62
N ARG B 45 -1.46 -26.71 2.87
CA ARG B 45 -1.82 -25.41 3.44
C ARG B 45 -1.31 -25.20 4.86
N ILE B 46 -0.58 -24.11 5.10
CA ILE B 46 -0.16 -23.74 6.44
C ILE B 46 -1.33 -23.07 7.15
N GLU B 47 -1.57 -23.40 8.42
CA GLU B 47 -2.79 -22.95 9.10
C GLU B 47 -2.70 -21.58 9.73
N LYS B 48 -1.57 -21.30 10.35
CA LYS B 48 -1.40 -20.07 11.07
C LYS B 48 -0.87 -19.04 10.07
N VAL B 49 -1.76 -18.39 9.32
CA VAL B 49 -1.31 -17.34 8.39
C VAL B 49 -2.06 -16.04 8.67
N GLU B 50 -1.31 -14.96 8.90
CA GLU B 50 -1.91 -13.64 9.08
C GLU B 50 -1.73 -12.76 7.83
N HIS B 51 -2.46 -11.66 7.77
CA HIS B 51 -2.30 -10.70 6.66
C HIS B 51 -2.48 -9.27 7.15
N SER B 52 -1.91 -8.33 6.41
CA SER B 52 -2.06 -6.89 6.69
C SER B 52 -3.48 -6.42 6.44
N ASP B 53 -3.79 -5.22 6.95
CA ASP B 53 -5.03 -4.58 6.63
C ASP B 53 -5.06 -4.07 5.18
N LEU B 54 -6.19 -4.27 4.53
CA LEU B 54 -6.44 -3.84 3.18
C LEU B 54 -6.19 -2.36 2.94
N SER B 55 -5.27 -2.10 2.00
CA SER B 55 -5.01 -0.76 1.52
C SER B 55 -4.79 -0.78 0.01
N PHE B 56 -4.55 0.40 -0.55
CA PHE B 56 -4.42 0.51 -2.00
C PHE B 56 -3.42 1.56 -2.43
N SER B 57 -2.93 1.42 -3.66
CA SER B 57 -1.91 2.29 -4.23
C SER B 57 -2.58 3.48 -4.93
N LYS B 58 -1.76 4.43 -5.38
CA LYS B 58 -2.24 5.65 -6.04
C LYS B 58 -3.08 5.36 -7.29
N ASP B 59 -2.91 4.16 -7.88
CA ASP B 59 -3.72 3.78 -9.05
C ASP B 59 -5.01 3.04 -8.67
N TRP B 60 -5.29 3.01 -7.37
CA TRP B 60 -6.52 2.39 -6.82
C TRP B 60 -6.45 0.87 -6.62
N SER B 61 -5.38 0.24 -7.11
CA SER B 61 -5.26 -1.18 -6.98
C SER B 61 -4.82 -1.52 -5.54
N PHE B 62 -5.29 -2.67 -5.10
CA PHE B 62 -5.10 -3.17 -3.77
C PHE B 62 -3.78 -3.88 -3.53
N TYR B 63 -3.34 -3.82 -2.30
CA TYR B 63 -2.21 -4.67 -1.89
C TYR B 63 -2.40 -5.26 -0.50
N LEU B 64 -1.84 -6.45 -0.34
CA LEU B 64 -1.87 -7.23 0.90
C LEU B 64 -0.59 -8.03 1.09
N LEU B 65 -0.11 -8.04 2.34
CA LEU B 65 0.94 -8.97 2.74
C LEU B 65 0.40 -10.12 3.57
N TYR B 66 0.60 -11.35 3.09
CA TYR B 66 0.32 -12.57 3.88
C TYR B 66 1.63 -13.13 4.43
N TYR B 67 1.63 -13.54 5.69
CA TYR B 67 2.88 -13.90 6.37
C TYR B 67 2.72 -14.92 7.48
N THR B 68 3.76 -15.73 7.67
CA THR B 68 3.77 -16.77 8.68
C THR B 68 5.21 -17.05 9.06
N GLU B 69 5.42 -17.45 10.32
CA GLU B 69 6.74 -17.87 10.81
C GLU B 69 7.14 -19.17 10.13
N PHE B 70 8.41 -19.30 9.80
CA PHE B 70 8.91 -20.53 9.19
C PHE B 70 10.42 -20.70 9.39
N THR B 71 10.85 -21.95 9.49
CA THR B 71 12.24 -22.32 9.61
C THR B 71 12.59 -23.09 8.34
N PRO B 72 13.18 -22.40 7.36
CA PRO B 72 13.51 -23.07 6.10
C PRO B 72 14.57 -24.16 6.31
N THR B 73 14.49 -25.20 5.47
CA THR B 73 15.50 -26.27 5.44
C THR B 73 15.95 -26.45 3.99
N GLU B 74 16.76 -27.46 3.70
CA GLU B 74 17.23 -27.66 2.35
C GLU B 74 16.17 -28.24 1.42
N LYS B 75 15.31 -29.10 1.94
CA LYS B 75 14.38 -29.86 1.11
C LYS B 75 12.93 -29.35 1.12
N ASP B 76 12.53 -28.67 2.20
CA ASP B 76 11.13 -28.23 2.28
C ASP B 76 10.87 -27.20 1.22
N GLU B 77 9.79 -27.39 0.49
CA GLU B 77 9.42 -26.44 -0.53
C GLU B 77 8.26 -25.61 -0.03
N TYR B 78 8.36 -24.31 -0.30
CA TYR B 78 7.30 -23.36 0.09
C TYR B 78 6.77 -22.67 -1.15
N ALA B 79 5.48 -22.32 -1.11
CA ALA B 79 4.85 -21.61 -2.20
C ALA B 79 3.71 -20.72 -1.65
N CYS B 80 3.23 -19.83 -2.49
CA CYS B 80 2.04 -19.04 -2.19
C CYS B 80 1.03 -19.37 -3.31
N ARG B 81 -0.22 -19.62 -2.93
CA ARG B 81 -1.27 -19.96 -3.90
C ARG B 81 -2.35 -18.89 -3.89
N VAL B 82 -2.60 -18.27 -5.03
CA VAL B 82 -3.49 -17.10 -5.10
C VAL B 82 -4.64 -17.38 -6.06
N ASN B 83 -5.86 -17.11 -5.60
CA ASN B 83 -7.01 -17.02 -6.50
C ASN B 83 -7.68 -15.65 -6.44
N HIS B 84 -8.20 -15.23 -7.60
CA HIS B 84 -8.82 -13.93 -7.78
C HIS B 84 -9.80 -14.09 -8.92
N VAL B 85 -10.80 -13.21 -8.98
CA VAL B 85 -11.79 -13.31 -10.06
C VAL B 85 -11.13 -13.33 -11.46
N THR B 86 -9.97 -12.68 -11.61
CA THR B 86 -9.27 -12.58 -12.90
C THR B 86 -8.60 -13.87 -13.33
N LEU B 87 -8.55 -14.85 -12.44
CA LEU B 87 -7.81 -16.08 -12.69
C LEU B 87 -8.77 -17.23 -12.87
N SER B 88 -8.57 -18.00 -13.96
CA SER B 88 -9.39 -19.17 -14.24
C SER B 88 -9.07 -20.31 -13.28
N GLN B 89 -7.82 -20.40 -12.84
CA GLN B 89 -7.42 -21.32 -11.77
C GLN B 89 -6.42 -20.64 -10.83
N PRO B 90 -6.24 -21.18 -9.61
CA PRO B 90 -5.26 -20.59 -8.70
C PRO B 90 -3.87 -20.55 -9.30
N LYS B 91 -3.14 -19.48 -8.98
CA LYS B 91 -1.77 -19.34 -9.40
C LYS B 91 -0.87 -19.71 -8.24
N ILE B 92 0.07 -20.63 -8.49
CA ILE B 92 1.01 -21.05 -7.48
C ILE B 92 2.38 -20.48 -7.81
N VAL B 93 2.95 -19.76 -6.84
CA VAL B 93 4.27 -19.19 -7.03
C VAL B 93 5.20 -19.79 -5.98
N LYS B 94 6.21 -20.51 -6.45
CA LYS B 94 7.18 -21.15 -5.57
C LYS B 94 8.12 -20.14 -4.88
N TRP B 95 8.44 -20.40 -3.60
CA TRP B 95 9.45 -19.58 -2.93
C TRP B 95 10.80 -19.95 -3.49
N ASP B 96 11.56 -18.96 -3.94
CA ASP B 96 12.94 -19.16 -4.41
C ASP B 96 13.78 -18.24 -3.54
N ARG B 97 14.57 -18.83 -2.66
CA ARG B 97 15.31 -18.04 -1.66
C ARG B 97 16.20 -16.94 -2.24
N ASP B 98 16.44 -16.99 -3.55
CA ASP B 98 17.29 -16.03 -4.27
C ASP B 98 16.50 -14.93 -4.94
N MET B 99 15.21 -14.82 -4.62
CA MET B 99 14.38 -13.79 -5.24
C MET B 99 13.50 -13.03 -4.24
N LYS C 1 -5.67 12.10 12.97
CA LYS C 1 -7.14 12.13 13.21
C LYS C 1 -7.92 12.35 11.91
N ALA C 2 -8.95 11.54 11.72
CA ALA C 2 -9.73 11.52 10.46
C ALA C 2 -10.59 12.75 10.30
N PHE C 3 -10.90 13.10 9.05
CA PHE C 3 -11.80 14.19 8.70
C PHE C 3 -13.17 13.83 9.23
N SER C 4 -13.80 14.79 9.90
CA SER C 4 -15.05 14.54 10.60
C SER C 4 -16.04 15.70 10.37
N PRO C 5 -16.60 15.83 9.15
CA PRO C 5 -17.53 16.92 8.82
C PRO C 5 -18.85 16.73 9.55
N GLU C 6 -19.49 17.85 9.90
CA GLU C 6 -20.79 17.84 10.57
C GLU C 6 -21.80 17.00 9.83
N VAL C 7 -21.91 17.21 8.52
CA VAL C 7 -22.71 16.37 7.63
C VAL C 7 -21.73 15.73 6.67
N ILE C 8 -21.67 14.40 6.64
CA ILE C 8 -20.75 13.76 5.72
C ILE C 8 -21.24 13.79 4.25
N PRO C 9 -20.37 14.25 3.34
CA PRO C 9 -20.74 14.42 1.94
C PRO C 9 -21.26 13.16 1.26
N MET C 10 -22.49 13.22 0.75
CA MET C 10 -23.01 12.15 -0.11
C MET C 10 -22.75 12.42 -1.58
N PHE C 11 -22.61 11.34 -2.36
CA PHE C 11 -22.48 11.42 -3.81
C PHE C 11 -23.71 12.07 -4.42
#